data_7OK4
#
_entry.id   7OK4
#
_cell.length_a   73.900
_cell.length_b   73.900
_cell.length_c   54.800
_cell.angle_alpha   90.000
_cell.angle_beta   90.000
_cell.angle_gamma   120.000
#
_symmetry.space_group_name_H-M   'P 63'
#
loop_
_entity.id
_entity.type
_entity.pdbx_description
1 polymer 'Isoform 2B of GTPase KRas'
2 non-polymer bdaGDP
3 water water
#
_entity_poly.entity_id   1
_entity_poly.type   'polypeptide(L)'
_entity_poly.pdbx_seq_one_letter_code
;HMTEYKLVVVGAGCVGKSALTIQLIQNHFVDEYDPTIEDSYRKQVVIDGETSLLDILDTAGQEEYSAMRDQYMRTGEGFL
LVFAINNTKSFEDIHHYREQIKRVKDSEDVPMVLVGNKSDLPSRTVDTKQAQDLARSYGIPFIETSAKTRQGVDDAFYTL
VREIRKHKEK
;
_entity_poly.pdbx_strand_id   A
#
loop_
_chem_comp.id
_chem_comp.type
_chem_comp.name
_chem_comp.formula
VJB non-polymer bdaGDP 'C18 H29 N7 O13 P2'
#
# COMPACT_ATOMS: atom_id res chain seq x y z
N HIS A 1 6.23 16.02 -18.92
CA HIS A 1 7.54 16.28 -18.31
C HIS A 1 7.69 15.44 -17.03
N MET A 2 6.91 15.77 -16.00
CA MET A 2 6.81 14.94 -14.81
C MET A 2 5.34 14.71 -14.49
N THR A 3 5.03 13.52 -13.96
CA THR A 3 3.67 13.17 -13.57
C THR A 3 3.66 12.80 -12.11
N GLU A 4 2.74 13.37 -11.35
CA GLU A 4 2.61 13.08 -9.92
C GLU A 4 1.52 12.03 -9.69
N TYR A 5 1.76 11.16 -8.70
CA TYR A 5 0.80 10.13 -8.28
C TYR A 5 0.63 10.19 -6.77
N LYS A 6 -0.62 10.21 -6.32
CA LYS A 6 -0.96 10.23 -4.90
CA LYS A 6 -0.95 10.23 -4.89
C LYS A 6 -1.30 8.82 -4.46
N LEU A 7 -0.40 8.17 -3.71
CA LEU A 7 -0.57 6.79 -3.29
C LEU A 7 -0.79 6.72 -1.78
N VAL A 8 -1.83 6.01 -1.34
CA VAL A 8 -2.19 5.90 0.08
C VAL A 8 -1.97 4.47 0.55
N VAL A 9 -1.34 4.31 1.71
CA VAL A 9 -1.06 3.00 2.30
C VAL A 9 -1.98 2.81 3.50
N VAL A 10 -2.78 1.74 3.49
CA VAL A 10 -3.73 1.45 4.55
C VAL A 10 -3.50 0.04 5.07
N GLY A 11 -4.05 -0.23 6.25
CA GLY A 11 -3.89 -1.53 6.89
C GLY A 11 -3.78 -1.38 8.39
N ALA A 12 -3.86 -2.53 9.07
CA ALA A 12 -3.94 -2.55 10.53
C ALA A 12 -2.61 -2.12 11.16
N GLY A 13 -2.66 -1.91 12.48
CA GLY A 13 -1.45 -1.53 13.19
C GLY A 13 -0.35 -2.57 13.06
N CYS A 14 0.88 -2.09 12.88
CA CYS A 14 2.13 -2.87 12.87
C CYS A 14 2.25 -3.81 11.68
N VAL A 15 1.45 -3.63 10.62
CA VAL A 15 1.62 -4.48 9.45
C VAL A 15 2.83 -4.10 8.62
N GLY A 16 3.35 -2.88 8.78
CA GLY A 16 4.51 -2.42 8.04
C GLY A 16 4.25 -1.32 7.02
N LYS A 17 3.18 -0.53 7.17
CA LYS A 17 2.89 0.54 6.23
C LYS A 17 4.03 1.55 6.18
N SER A 18 4.53 1.95 7.36
CA SER A 18 5.58 2.96 7.40
C SER A 18 6.92 2.39 6.94
N ALA A 19 7.23 1.15 7.32
CA ALA A 19 8.49 0.56 6.89
C ALA A 19 8.53 0.41 5.37
N LEU A 20 7.40 0.05 4.76
CA LEU A 20 7.37 -0.04 3.31
C LEU A 20 7.60 1.33 2.67
N THR A 21 7.02 2.37 3.27
CA THR A 21 7.18 3.73 2.76
C THR A 21 8.63 4.20 2.85
N ILE A 22 9.28 3.94 3.98
CA ILE A 22 10.67 4.39 4.18
C ILE A 22 11.61 3.60 3.28
N GLN A 23 11.34 2.31 3.09
CA GLN A 23 12.18 1.52 2.18
C GLN A 23 12.10 2.06 0.76
N LEU A 24 10.88 2.36 0.29
CA LEU A 24 10.72 2.87 -1.07
C LEU A 24 11.42 4.21 -1.24
N ILE A 25 11.23 5.13 -0.28
CA ILE A 25 11.70 6.50 -0.46
C ILE A 25 13.17 6.65 -0.11
N GLN A 26 13.62 6.04 1.00
CA GLN A 26 14.97 6.26 1.52
C GLN A 26 15.91 5.07 1.34
N ASN A 27 15.43 3.93 0.86
CA ASN A 27 16.23 2.70 0.78
C ASN A 27 16.85 2.36 2.13
N HIS A 28 16.02 2.48 3.19
CA HIS A 28 16.45 2.33 4.56
C HIS A 28 15.44 1.46 5.30
N PHE A 29 15.91 0.64 6.23
CA PHE A 29 15.05 -0.17 7.09
C PHE A 29 15.72 -0.37 8.45
N VAL A 30 14.92 -0.32 9.51
CA VAL A 30 15.36 -0.72 10.84
C VAL A 30 14.22 -1.49 11.50
N ASP A 31 14.56 -2.52 12.29
CA ASP A 31 13.53 -3.34 12.92
C ASP A 31 12.99 -2.75 14.22
N GLU A 32 12.69 -1.44 14.21
CA GLU A 32 12.12 -0.73 15.34
C GLU A 32 11.18 0.32 14.78
N TYR A 33 10.41 0.97 15.65
CA TYR A 33 9.71 2.17 15.22
C TYR A 33 10.74 3.14 14.64
N ASP A 34 10.47 3.62 13.42
CA ASP A 34 11.44 4.41 12.66
C ASP A 34 10.98 5.86 12.54
N PRO A 35 11.59 6.80 13.27
CA PRO A 35 11.13 8.19 13.22
C PRO A 35 11.47 8.89 11.91
N THR A 36 12.23 8.28 11.00
CA THR A 36 12.49 8.97 9.73
C THR A 36 11.28 8.96 8.81
N ILE A 37 10.16 8.36 9.22
CA ILE A 37 8.93 8.48 8.46
C ILE A 37 8.55 9.95 8.28
N GLU A 38 8.91 10.80 9.23
CA GLU A 38 8.57 12.22 9.17
C GLU A 38 9.23 12.93 8.00
N ASP A 39 10.27 12.34 7.42
CA ASP A 39 10.99 12.94 6.31
C ASP A 39 10.84 12.13 5.03
N SER A 40 9.89 11.20 4.98
CA SER A 40 9.74 10.26 3.88
C SER A 40 8.35 10.42 3.28
N TYR A 41 8.21 11.30 2.28
CA TYR A 41 6.91 11.49 1.66
C TYR A 41 6.91 11.57 0.14
N ARG A 42 8.04 11.85 -0.54
CA ARG A 42 8.05 11.90 -2.00
C ARG A 42 9.29 11.19 -2.55
N LYS A 43 9.08 10.39 -3.60
CA LYS A 43 10.17 9.79 -4.35
C LYS A 43 10.05 10.17 -5.83
N GLN A 44 11.13 10.71 -6.40
CA GLN A 44 11.20 10.98 -7.83
C GLN A 44 11.91 9.82 -8.51
N VAL A 45 11.24 9.19 -9.48
CA VAL A 45 11.77 7.98 -10.09
C VAL A 45 11.20 7.82 -11.49
N VAL A 46 11.97 7.21 -12.38
CA VAL A 46 11.51 6.95 -13.75
C VAL A 46 10.87 5.57 -13.79
N ILE A 47 9.64 5.51 -14.29
CA ILE A 47 8.86 4.27 -14.36
C ILE A 47 8.42 4.10 -15.81
N ASP A 48 8.94 3.06 -16.46
CA ASP A 48 8.63 2.80 -17.88
C ASP A 48 8.90 4.02 -18.75
N GLY A 49 9.99 4.73 -18.43
CA GLY A 49 10.40 5.88 -19.20
C GLY A 49 9.86 7.22 -18.72
N GLU A 50 8.85 7.24 -17.84
CA GLU A 50 8.20 8.47 -17.43
C GLU A 50 8.73 8.93 -16.07
N THR A 51 9.17 10.18 -15.99
CA THR A 51 9.63 10.73 -14.71
C THR A 51 8.42 10.96 -13.81
N SER A 52 8.39 10.24 -12.70
CA SER A 52 7.23 10.21 -11.82
C SER A 52 7.58 10.74 -10.44
N LEU A 53 6.65 11.48 -9.84
CA LEU A 53 6.76 11.94 -8.46
C LEU A 53 5.73 11.15 -7.65
N LEU A 54 6.20 10.24 -6.79
CA LEU A 54 5.33 9.40 -5.99
C LEU A 54 5.19 10.03 -4.60
N ASP A 55 4.02 10.55 -4.31
CA ASP A 55 3.71 11.13 -3.00
C ASP A 55 2.98 10.06 -2.20
N ILE A 56 3.57 9.64 -1.08
CA ILE A 56 3.07 8.51 -0.30
C ILE A 56 2.38 9.03 0.94
N LEU A 57 1.10 8.70 1.09
CA LEU A 57 0.31 9.10 2.25
C LEU A 57 0.15 7.88 3.17
N ASP A 58 0.80 7.94 4.33
CA ASP A 58 0.84 6.85 5.30
C ASP A 58 -0.22 7.10 6.36
N THR A 59 -1.14 6.14 6.56
CA THR A 59 -2.22 6.30 7.53
C THR A 59 -1.83 5.85 8.93
N ALA A 60 -0.57 5.45 9.15
CA ALA A 60 -0.15 5.03 10.47
C ALA A 60 -0.39 6.13 11.50
N GLY A 61 -0.92 5.74 12.66
CA GLY A 61 -1.20 6.67 13.73
C GLY A 61 -2.60 7.26 13.72
N GLN A 62 -3.33 7.12 12.63
CA GLN A 62 -4.69 7.66 12.54
C GLN A 62 -5.69 6.70 13.15
N GLU A 63 -6.69 7.26 13.85
CA GLU A 63 -7.77 6.44 14.35
C GLU A 63 -8.58 5.86 13.18
N GLU A 64 -9.30 4.78 13.47
CA GLU A 64 -10.01 4.04 12.42
C GLU A 64 -11.04 4.90 11.70
N TYR A 65 -11.68 5.86 12.38
CA TYR A 65 -12.73 6.69 11.77
C TYR A 65 -12.47 8.18 12.02
N SER A 66 -11.26 8.65 11.70
CA SER A 66 -10.90 10.04 11.90
C SER A 66 -11.14 10.87 10.65
N ALA A 67 -11.23 12.19 10.85
CA ALA A 67 -11.48 13.09 9.72
C ALA A 67 -10.29 13.18 8.79
N MET A 68 -9.07 13.08 9.33
CA MET A 68 -7.89 13.17 8.47
C MET A 68 -7.74 11.92 7.60
N ARG A 69 -8.13 10.76 8.12
CA ARG A 69 -8.16 9.56 7.28
C ARG A 69 -9.14 9.72 6.13
N ASP A 70 -10.29 10.33 6.39
CA ASP A 70 -11.26 10.59 5.33
C ASP A 70 -10.66 11.46 4.23
N GLN A 71 -9.93 12.52 4.63
CA GLN A 71 -9.25 13.35 3.65
C GLN A 71 -8.25 12.53 2.84
N TYR A 72 -7.48 11.67 3.51
CA TYR A 72 -6.51 10.83 2.81
C TYR A 72 -7.19 9.97 1.75
N MET A 73 -8.39 9.44 2.05
CA MET A 73 -9.06 8.57 1.09
C MET A 73 -9.65 9.36 -0.06
N ARG A 74 -10.06 10.62 0.19
CA ARG A 74 -10.53 11.47 -0.89
C ARG A 74 -9.39 11.87 -1.81
N THR A 75 -8.20 12.09 -1.27
CA THR A 75 -7.08 12.57 -2.07
C THR A 75 -6.46 11.46 -2.91
N GLY A 76 -6.52 10.20 -2.45
CA GLY A 76 -5.69 9.16 -3.04
C GLY A 76 -6.16 8.74 -4.42
N GLU A 77 -5.19 8.56 -5.32
CA GLU A 77 -5.45 8.00 -6.65
C GLU A 77 -5.40 6.48 -6.66
N GLY A 78 -4.60 5.89 -5.76
CA GLY A 78 -4.49 4.44 -5.66
C GLY A 78 -4.15 4.08 -4.23
N PHE A 79 -4.45 2.83 -3.87
CA PHE A 79 -4.34 2.39 -2.49
C PHE A 79 -3.62 1.06 -2.39
N LEU A 80 -2.67 0.97 -1.48
CA LEU A 80 -2.09 -0.31 -1.09
C LEU A 80 -2.83 -0.81 0.15
N LEU A 81 -3.43 -2.00 0.04
CA LEU A 81 -4.13 -2.64 1.15
C LEU A 81 -3.15 -3.64 1.76
N VAL A 82 -2.55 -3.30 2.91
CA VAL A 82 -1.45 -4.06 3.48
C VAL A 82 -1.94 -4.90 4.66
N PHE A 83 -1.58 -6.19 4.66
CA PHE A 83 -1.66 -7.04 5.85
C PHE A 83 -0.29 -7.68 6.06
N ALA A 84 -0.11 -8.32 7.21
CA ALA A 84 1.12 -9.03 7.53
C ALA A 84 0.84 -10.53 7.54
N ILE A 85 1.73 -11.30 6.93
CA ILE A 85 1.43 -12.72 6.72
C ILE A 85 1.49 -13.54 8.00
N ASN A 86 1.94 -12.95 9.11
CA ASN A 86 1.94 -13.63 10.40
C ASN A 86 0.90 -13.06 11.36
N ASN A 87 -0.08 -12.31 10.84
CA ASN A 87 -1.11 -11.69 11.67
C ASN A 87 -2.47 -11.97 11.03
N THR A 88 -3.21 -12.94 11.56
CA THR A 88 -4.50 -13.31 10.98
C THR A 88 -5.49 -12.16 11.06
N LYS A 89 -5.51 -11.41 12.16
CA LYS A 89 -6.48 -10.34 12.31
C LYS A 89 -6.29 -9.27 11.24
N SER A 90 -5.04 -8.98 10.87
CA SER A 90 -4.76 -7.95 9.87
C SER A 90 -5.28 -8.35 8.49
N PHE A 91 -5.33 -9.64 8.20
CA PHE A 91 -5.93 -10.09 6.94
C PHE A 91 -7.45 -10.02 6.99
N GLU A 92 -8.03 -10.38 8.15
CA GLU A 92 -9.49 -10.27 8.31
C GLU A 92 -9.95 -8.82 8.27
N ASP A 93 -9.07 -7.88 8.58
CA ASP A 93 -9.39 -6.45 8.54
C ASP A 93 -9.45 -5.87 7.13
N ILE A 94 -8.95 -6.59 6.12
CA ILE A 94 -8.84 -6.02 4.78
C ILE A 94 -10.21 -5.64 4.23
N HIS A 95 -11.24 -6.44 4.53
CA HIS A 95 -12.58 -6.12 4.03
C HIS A 95 -13.03 -4.74 4.48
N HIS A 96 -12.76 -4.39 5.74
CA HIS A 96 -13.14 -3.09 6.27
C HIS A 96 -12.47 -1.95 5.49
N TYR A 97 -11.16 -2.07 5.24
CA TYR A 97 -10.45 -0.98 4.56
C TYR A 97 -10.95 -0.80 3.13
N ARG A 98 -11.18 -1.91 2.42
CA ARG A 98 -11.71 -1.84 1.07
C ARG A 98 -13.09 -1.19 1.04
N GLU A 99 -13.96 -1.55 1.99
CA GLU A 99 -15.31 -0.98 2.00
C GLU A 99 -15.27 0.50 2.34
N GLN A 100 -14.38 0.90 3.24
CA GLN A 100 -14.28 2.31 3.62
C GLN A 100 -13.82 3.17 2.45
N ILE A 101 -12.83 2.70 1.68
CA ILE A 101 -12.39 3.45 0.51
C ILE A 101 -13.51 3.57 -0.51
N LYS A 102 -14.20 2.46 -0.79
CA LYS A 102 -15.26 2.46 -1.79
C LYS A 102 -16.38 3.41 -1.41
N ARG A 103 -16.72 3.48 -0.12
CA ARG A 103 -17.83 4.33 0.30
C ARG A 103 -17.43 5.80 0.29
N VAL A 104 -16.22 6.12 0.76
CA VAL A 104 -15.76 7.50 0.76
C VAL A 104 -15.59 7.99 -0.68
N LYS A 105 -15.15 7.11 -1.59
CA LYS A 105 -14.98 7.48 -2.99
C LYS A 105 -16.29 7.43 -3.77
N ASP A 106 -17.28 6.70 -3.27
CA ASP A 106 -18.53 6.46 -3.99
C ASP A 106 -18.24 5.92 -5.39
N SER A 107 -17.38 4.90 -5.44
CA SER A 107 -17.01 4.28 -6.70
C SER A 107 -16.61 2.83 -6.44
N GLU A 108 -16.84 1.99 -7.45
CA GLU A 108 -16.41 0.59 -7.43
C GLU A 108 -15.22 0.34 -8.35
N ASP A 109 -14.55 1.41 -8.80
CA ASP A 109 -13.48 1.32 -9.78
C ASP A 109 -12.26 2.11 -9.31
N VAL A 110 -11.77 1.77 -8.13
CA VAL A 110 -10.65 2.46 -7.51
C VAL A 110 -9.39 1.61 -7.66
N PRO A 111 -8.29 2.17 -8.17
CA PRO A 111 -7.04 1.39 -8.26
C PRO A 111 -6.53 0.97 -6.89
N MET A 112 -6.26 -0.33 -6.76
CA MET A 112 -5.80 -0.88 -5.49
C MET A 112 -4.89 -2.07 -5.76
N VAL A 113 -4.01 -2.36 -4.81
CA VAL A 113 -3.17 -3.55 -4.81
C VAL A 113 -3.23 -4.15 -3.41
N LEU A 114 -3.40 -5.48 -3.33
CA LEU A 114 -3.35 -6.20 -2.07
C LEU A 114 -1.91 -6.61 -1.79
N VAL A 115 -1.41 -6.30 -0.59
CA VAL A 115 0.00 -6.49 -0.25
C VAL A 115 0.11 -7.36 0.99
N GLY A 116 0.78 -8.51 0.85
CA GLY A 116 1.14 -9.35 1.99
C GLY A 116 2.57 -9.13 2.43
N ASN A 117 2.76 -8.36 3.50
CA ASN A 117 4.08 -7.93 3.95
C ASN A 117 4.66 -8.88 5.01
N LYS A 118 5.95 -8.66 5.31
CA LYS A 118 6.75 -9.45 6.26
C LYS A 118 7.00 -10.86 5.73
N SER A 119 7.23 -10.97 4.42
CA SER A 119 7.41 -12.29 3.81
CA SER A 119 7.42 -12.28 3.78
C SER A 119 8.73 -12.93 4.16
N ASP A 120 9.65 -12.20 4.81
CA ASP A 120 10.92 -12.76 5.24
C ASP A 120 10.79 -13.57 6.53
N LEU A 121 9.67 -13.46 7.25
CA LEU A 121 9.50 -14.09 8.55
C LEU A 121 9.07 -15.55 8.39
N PRO A 122 9.58 -16.44 9.24
CA PRO A 122 9.07 -17.81 9.27
C PRO A 122 7.78 -17.89 10.08
N SER A 123 7.12 -19.04 9.97
CA SER A 123 5.88 -19.32 10.69
C SER A 123 4.81 -18.27 10.38
N ARG A 124 4.31 -18.36 9.15
CA ARG A 124 3.18 -17.54 8.73
C ARG A 124 1.88 -18.16 9.21
N THR A 125 0.85 -17.31 9.29
CA THR A 125 -0.49 -17.77 9.61
C THR A 125 -1.52 -17.44 8.53
N VAL A 126 -1.14 -16.69 7.50
CA VAL A 126 -1.99 -16.39 6.36
C VAL A 126 -1.36 -17.02 5.13
N ASP A 127 -2.11 -17.90 4.45
CA ASP A 127 -1.58 -18.55 3.26
C ASP A 127 -1.84 -17.73 2.00
N THR A 128 -0.94 -17.91 1.03
CA THR A 128 -0.96 -17.12 -0.19
C THR A 128 -2.27 -17.28 -0.95
N LYS A 129 -2.77 -18.52 -1.07
CA LYS A 129 -3.96 -18.72 -1.87
C LYS A 129 -5.20 -18.10 -1.23
N GLN A 130 -5.21 -17.94 0.09
CA GLN A 130 -6.25 -17.14 0.73
C GLN A 130 -6.24 -15.72 0.19
N ALA A 131 -5.05 -15.11 0.12
CA ALA A 131 -4.94 -13.73 -0.36
C ALA A 131 -5.16 -13.64 -1.87
N GLN A 132 -4.65 -14.61 -2.64
CA GLN A 132 -4.89 -14.62 -4.07
C GLN A 132 -6.38 -14.68 -4.38
N ASP A 133 -7.12 -15.52 -3.65
CA ASP A 133 -8.56 -15.62 -3.87
C ASP A 133 -9.26 -14.31 -3.57
N LEU A 134 -8.87 -13.64 -2.49
CA LEU A 134 -9.48 -12.35 -2.15
C LEU A 134 -9.20 -11.31 -3.23
N ALA A 135 -7.93 -11.19 -3.65
CA ALA A 135 -7.58 -10.23 -4.70
C ALA A 135 -8.35 -10.50 -5.98
N ARG A 136 -8.56 -11.77 -6.32
CA ARG A 136 -9.32 -12.10 -7.51
C ARG A 136 -10.75 -11.60 -7.42
N SER A 137 -11.37 -11.75 -6.25
CA SER A 137 -12.75 -11.29 -6.09
C SER A 137 -12.86 -9.77 -6.10
N TYR A 138 -11.78 -9.07 -5.77
CA TYR A 138 -11.73 -7.61 -5.87
C TYR A 138 -11.35 -7.14 -7.27
N GLY A 139 -10.81 -8.02 -8.11
CA GLY A 139 -10.31 -7.63 -9.40
C GLY A 139 -9.02 -6.84 -9.37
N ILE A 140 -8.17 -7.09 -8.38
CA ILE A 140 -6.92 -6.32 -8.23
C ILE A 140 -5.76 -7.29 -8.08
N PRO A 141 -4.53 -6.83 -8.30
CA PRO A 141 -3.36 -7.70 -8.12
C PRO A 141 -3.03 -7.93 -6.65
N PHE A 142 -2.30 -9.02 -6.41
CA PHE A 142 -1.74 -9.33 -5.10
C PHE A 142 -0.22 -9.46 -5.22
N ILE A 143 0.51 -8.86 -4.29
CA ILE A 143 1.97 -8.85 -4.30
C ILE A 143 2.50 -9.10 -2.88
N GLU A 144 3.44 -10.05 -2.76
CA GLU A 144 4.11 -10.35 -1.50
C GLU A 144 5.34 -9.45 -1.34
N THR A 145 5.51 -8.87 -0.15
CA THR A 145 6.59 -7.90 0.07
C THR A 145 7.35 -8.20 1.35
N SER A 146 8.56 -7.68 1.43
CA SER A 146 9.31 -7.54 2.68
C SER A 146 9.95 -6.16 2.71
N ALA A 147 9.54 -5.32 3.66
CA ALA A 147 10.21 -4.03 3.84
C ALA A 147 11.66 -4.21 4.27
N LYS A 148 12.02 -5.38 4.81
CA LYS A 148 13.37 -5.62 5.30
C LYS A 148 14.33 -5.97 4.17
N THR A 149 13.99 -6.97 3.35
CA THR A 149 14.86 -7.41 2.26
C THR A 149 14.60 -6.68 0.95
N ARG A 150 13.56 -5.84 0.91
CA ARG A 150 13.08 -5.12 -0.27
C ARG A 150 12.34 -6.02 -1.26
N GLN A 151 12.14 -7.30 -0.95
CA GLN A 151 11.32 -8.17 -1.81
C GLN A 151 9.99 -7.49 -2.14
N GLY A 152 9.69 -7.38 -3.43
CA GLY A 152 8.39 -6.91 -3.89
C GLY A 152 8.09 -5.44 -3.69
N VAL A 153 9.01 -4.65 -3.13
CA VAL A 153 8.66 -3.27 -2.77
C VAL A 153 8.43 -2.42 -4.02
N ASP A 154 9.41 -2.41 -4.94
CA ASP A 154 9.18 -1.71 -6.21
C ASP A 154 8.01 -2.31 -6.97
N ASP A 155 7.90 -3.65 -6.98
CA ASP A 155 6.79 -4.30 -7.65
C ASP A 155 5.45 -3.76 -7.16
N ALA A 156 5.30 -3.63 -5.84
CA ALA A 156 4.01 -3.23 -5.29
C ALA A 156 3.66 -1.79 -5.68
N PHE A 157 4.60 -0.85 -5.47
CA PHE A 157 4.30 0.56 -5.73
C PHE A 157 4.21 0.84 -7.24
N TYR A 158 5.07 0.21 -8.04
CA TYR A 158 5.02 0.49 -9.48
C TYR A 158 3.81 -0.17 -10.13
N THR A 159 3.37 -1.33 -9.61
CA THR A 159 2.16 -1.94 -10.12
C THR A 159 0.95 -1.05 -9.86
N LEU A 160 0.92 -0.39 -8.71
CA LEU A 160 -0.18 0.54 -8.44
C LEU A 160 -0.15 1.73 -9.41
N VAL A 161 1.04 2.26 -9.69
CA VAL A 161 1.15 3.34 -10.68
C VAL A 161 0.61 2.89 -12.03
N ARG A 162 0.96 1.67 -12.46
CA ARG A 162 0.47 1.17 -13.74
C ARG A 162 -1.04 0.98 -13.73
N GLU A 163 -1.63 0.61 -12.59
CA GLU A 163 -3.08 0.52 -12.51
C GLU A 163 -3.73 1.89 -12.64
N ILE A 164 -3.11 2.92 -12.06
CA ILE A 164 -3.63 4.28 -12.19
C ILE A 164 -3.57 4.74 -13.64
N ARG A 165 -2.48 4.43 -14.34
CA ARG A 165 -2.36 4.81 -15.74
C ARG A 165 -3.45 4.16 -16.58
N LYS A 166 -3.73 2.87 -16.33
CA LYS A 166 -4.77 2.17 -17.07
C LYS A 166 -6.12 2.82 -16.82
N HIS A 167 -6.38 3.23 -15.57
CA HIS A 167 -7.63 3.90 -15.23
C HIS A 167 -7.77 5.23 -15.98
N LYS A 168 -6.69 6.00 -16.05
CA LYS A 168 -6.74 7.30 -16.71
C LYS A 168 -6.90 7.17 -18.22
N GLU A 169 -6.42 6.08 -18.81
CA GLU A 169 -6.51 5.86 -20.25
C GLU A 169 -7.85 5.26 -20.67
N LYS A 170 -8.89 5.43 -19.86
CA LYS A 170 -10.23 4.87 -20.11
C LYS A 170 -10.19 3.36 -20.05
C10 VJB B . 8.29 -2.43 12.92
C15 VJB B . 8.30 -3.64 18.20
C17 VJB B . 7.25 -5.93 17.96
C20 VJB B . 3.90 -4.16 17.06
C21 VJB B . 4.38 -3.43 15.82
C24 VJB B . 7.18 -3.05 13.01
C02 VJB B . 9.04 -6.78 7.14
C03 VJB B . 8.61 -5.64 8.05
C05 VJB B . 7.78 -3.89 8.99
C07 VJB B . 8.64 -4.15 11.34
C08 VJB B . 8.98 -2.90 11.47
C12 VJB B . 8.93 -2.53 15.25
C14 VJB B . 9.42 -2.74 17.69
C16 VJB B . 8.51 -5.09 17.77
C19 VJB B . 5.05 -4.78 17.87
C25 VJB B . 5.97 -2.19 12.56
C36 VJB B . 8.98 -5.63 9.38
C38 VJB B . 10.24 -7.81 9.08
N04 VJB B . 7.86 -4.54 7.84
N06 VJB B . 8.47 -4.54 9.91
N13 VJB B . 9.73 -3.09 16.31
N18 VJB B . 6.17 -5.37 17.17
N37 VJB B . 9.80 -6.71 9.94
N39 VJB B . 11.04 -8.86 9.63
N40 VJB B . 9.84 -7.83 7.69
O01 VJB B . 8.72 -6.81 5.98
O09 VJB B . 10.41 -2.74 11.53
O11 VJB B . 9.22 -2.90 13.93
O22 VJB B . 5.03 -4.77 19.06
O23 VJB B . 8.03 -1.79 15.48
O26 VJB B . 6.24 -1.69 11.28
O28 VJB B . 3.93 -0.64 11.08
O30 VJB B . 3.14 1.59 10.08
O31 VJB B . 1.75 -0.46 9.76
O32 VJB B . 1.91 0.59 12.02
O33 VJB B . 5.88 0.12 9.50
O34 VJB B . 5.93 0.77 11.93
O35 VJB B . 7.26 -4.29 11.99
P27 VJB B . 5.53 -0.27 10.92
P29 VJB B . 2.64 0.30 10.71
#